data_6HWU
#
_entry.id   6HWU
#
_cell.length_a   66.670
_cell.length_b   74.690
_cell.length_c   77.240
_cell.angle_alpha   90.00
_cell.angle_beta   90.00
_cell.angle_gamma   90.00
#
_symmetry.space_group_name_H-M   'P 21 21 21'
#
loop_
_entity.id
_entity.type
_entity.pdbx_description
1 polymer 'Mitogen-activated protein kinase 14'
2 non-polymer 'octyl beta-D-glucopyranoside'
3 non-polymer 3-(2,5-dimethoxyphenyl)-~{N}-[4-[4-(4-fluorophenyl)-2-[(~{E})-phenyldiazenyl]-1,3-thiazol-5-yl]pyridin-2-yl]propanamide
4 water water
#
_entity_poly.entity_id   1
_entity_poly.type   'polypeptide(L)'
_entity_poly.pdbx_seq_one_letter_code
;GSHSQERPTFYRQELNKTIWEVPERYQNLSPVGSGAYGSVCAAFDTKTGLRVAVKKLSRPFQSIIHAKRTYRELRLLKHM
KHENVIGLLDVFTPARSLEEFNDVYLVTHLMGADLNNIVKCQKLTDDHVQFLIYQILRGLKYIHSADIIHRDLKPSNLAV
NEDCELKILDFGLARHTDDEMTGYVATRWYRAPEIMLNWMHYNQTVDIWSVGCIMAELLTGRTLFPGTDHIDQLKLILRL
VGTPGAELLKKISSESARNYIQSLTQMPKMNFANVFIGANPLAVDLLEKMLVLDSDKRITAAQALAHAYFAQYHDPDDEP
VADPYDQSFESRDLLIDEWKSLTYDEVISFVPPPLDQEEMES
;
_entity_poly.pdbx_strand_id   A
#
loop_
_chem_comp.id
_chem_comp.type
_chem_comp.name
_chem_comp.formula
BOG D-saccharide 'octyl beta-D-glucopyranoside' 'C14 H28 O6'
GE5 non-polymer 3-(2,5-dimethoxyphenyl)-~{N}-[4-[4-(4-fluorophenyl)-2-[(~{E})-phenyldiazenyl]-1,3-thiazol-5-yl]pyridin-2-yl]propanamide 'C31 H26 F N5 O3 S'
#
# COMPACT_ATOMS: atom_id res chain seq x y z
N ARG A 7 -16.54 15.77 -24.78
CA ARG A 7 -16.17 14.36 -24.77
C ARG A 7 -15.12 14.04 -25.82
N PRO A 8 -14.06 13.33 -25.42
CA PRO A 8 -13.01 12.99 -26.38
C PRO A 8 -13.48 11.97 -27.40
N THR A 9 -12.76 11.90 -28.51
CA THR A 9 -13.03 10.91 -29.53
C THR A 9 -12.31 9.62 -29.17
N PHE A 10 -13.05 8.52 -29.13
CA PHE A 10 -12.48 7.24 -28.74
C PHE A 10 -12.02 6.45 -29.96
N TYR A 11 -11.07 5.56 -29.76
CA TYR A 11 -10.70 4.58 -30.77
C TYR A 11 -10.57 3.22 -30.09
N ARG A 12 -10.69 2.17 -30.91
CA ARG A 12 -10.96 0.83 -30.43
C ARG A 12 -9.92 -0.13 -31.00
N GLN A 13 -9.33 -0.96 -30.14
CA GLN A 13 -8.37 -1.95 -30.62
C GLN A 13 -8.34 -3.12 -29.65
N GLU A 14 -8.01 -4.30 -30.19
CA GLU A 14 -7.89 -5.50 -29.38
C GLU A 14 -6.44 -5.75 -29.03
N LEU A 15 -6.19 -6.08 -27.76
CA LEU A 15 -4.85 -6.35 -27.27
C LEU A 15 -4.90 -7.48 -26.25
N ASN A 16 -3.89 -8.35 -26.29
CA ASN A 16 -3.79 -9.59 -25.52
C ASN A 16 -5.12 -10.32 -25.40
N LYS A 17 -5.89 -10.36 -26.50
CA LYS A 17 -7.21 -10.99 -26.53
C LYS A 17 -8.16 -10.33 -25.53
N THR A 18 -8.22 -9.01 -25.58
CA THR A 18 -9.27 -8.26 -24.93
C THR A 18 -9.39 -6.91 -25.61
N ILE A 19 -10.61 -6.38 -25.66
CA ILE A 19 -10.88 -5.15 -26.39
C ILE A 19 -10.53 -3.95 -25.52
N TRP A 20 -10.08 -2.88 -26.17
CA TRP A 20 -9.72 -1.63 -25.49
C TRP A 20 -10.32 -0.46 -26.26
N GLU A 21 -11.04 0.39 -25.55
CA GLU A 21 -11.63 1.59 -26.15
C GLU A 21 -11.20 2.80 -25.31
N VAL A 22 -10.25 3.57 -25.83
CA VAL A 22 -9.63 4.64 -25.05
C VAL A 22 -9.70 5.93 -25.86
N PRO A 23 -9.62 7.08 -25.20
CA PRO A 23 -9.54 8.35 -25.94
C PRO A 23 -8.29 8.42 -26.80
N GLU A 24 -8.39 9.21 -27.89
CA GLU A 24 -7.29 9.29 -28.85
C GLU A 24 -6.00 9.78 -28.21
N ARG A 25 -6.10 10.55 -27.12
CA ARG A 25 -4.91 11.11 -26.50
C ARG A 25 -3.91 10.03 -26.11
N TYR A 26 -4.39 8.85 -25.72
CA TYR A 26 -3.53 7.76 -25.30
C TYR A 26 -3.14 6.93 -26.52
N GLN A 27 -1.84 6.93 -26.83
CA GLN A 27 -1.33 6.29 -28.04
C GLN A 27 -0.31 5.24 -27.68
N ASN A 28 0.00 4.38 -28.67
CA ASN A 28 1.05 3.38 -28.55
C ASN A 28 0.81 2.43 -27.39
N LEU A 29 -0.44 1.98 -27.25
CA LEU A 29 -0.76 1.05 -26.18
C LEU A 29 0.04 -0.25 -26.33
N SER A 30 0.73 -0.63 -25.27
CA SER A 30 1.55 -1.84 -25.25
C SER A 30 1.19 -2.63 -24.00
N PRO A 31 0.66 -3.84 -24.12
CA PRO A 31 0.27 -4.61 -22.93
C PRO A 31 1.46 -4.91 -22.05
N VAL A 32 1.27 -4.75 -20.74
CA VAL A 32 2.30 -5.06 -19.76
C VAL A 32 1.96 -6.27 -18.91
N GLY A 33 0.71 -6.69 -18.87
CA GLY A 33 0.35 -7.85 -18.08
C GLY A 33 -1.16 -7.97 -17.92
N SER A 34 -1.55 -9.09 -17.31
CA SER A 34 -2.97 -9.36 -17.10
C SER A 34 -3.54 -8.55 -15.94
N GLY A 35 -2.71 -8.15 -14.98
CA GLY A 35 -3.13 -7.29 -13.89
C GLY A 35 -3.84 -8.03 -12.78
N ALA A 36 -4.05 -7.30 -11.68
CA ALA A 36 -4.71 -7.89 -10.51
C ALA A 36 -6.15 -8.28 -10.83
N TYR A 37 -6.95 -7.28 -11.15
CA TYR A 37 -8.36 -7.45 -11.46
C TYR A 37 -8.70 -6.82 -12.81
N GLY A 38 -7.68 -6.56 -13.63
CA GLY A 38 -7.89 -5.98 -14.95
C GLY A 38 -6.62 -5.80 -15.76
N SER A 39 -6.74 -5.84 -17.10
CA SER A 39 -5.57 -5.78 -17.94
C SER A 39 -4.98 -4.37 -17.93
N VAL A 40 -3.68 -4.29 -18.18
CA VAL A 40 -2.95 -3.04 -18.13
C VAL A 40 -2.12 -2.92 -19.41
N CYS A 41 -2.08 -1.71 -19.96
CA CYS A 41 -1.19 -1.36 -21.06
C CYS A 41 -0.40 -0.11 -20.70
N ALA A 42 0.86 -0.08 -21.13
CA ALA A 42 1.61 1.16 -21.19
C ALA A 42 1.11 1.99 -22.37
N ALA A 43 1.29 3.31 -22.29
CA ALA A 43 0.84 4.17 -23.36
C ALA A 43 1.54 5.52 -23.24
N PHE A 44 1.40 6.33 -24.29
CA PHE A 44 1.92 7.68 -24.32
C PHE A 44 0.75 8.66 -24.34
N ASP A 45 0.70 9.53 -23.33
CA ASP A 45 -0.35 10.54 -23.22
C ASP A 45 0.06 11.76 -24.02
N THR A 46 -0.56 11.94 -25.19
CA THR A 46 -0.18 13.04 -26.07
C THR A 46 -0.56 14.40 -25.48
N LYS A 47 -1.55 14.44 -24.59
CA LYS A 47 -2.00 15.72 -24.05
C LYS A 47 -0.98 16.29 -23.07
N THR A 48 -0.36 15.43 -22.27
CA THR A 48 0.57 15.85 -21.23
C THR A 48 2.03 15.54 -21.54
N GLY A 49 2.31 14.70 -22.53
CA GLY A 49 3.66 14.25 -22.80
C GLY A 49 4.13 13.13 -21.89
N LEU A 50 3.29 12.64 -20.99
CA LEU A 50 3.68 11.65 -20.00
C LEU A 50 3.50 10.24 -20.54
N ARG A 51 4.43 9.35 -20.16
CA ARG A 51 4.21 7.92 -20.33
C ARG A 51 3.33 7.42 -19.19
N VAL A 52 2.26 6.69 -19.53
CA VAL A 52 1.25 6.34 -18.56
C VAL A 52 0.95 4.85 -18.59
N ALA A 53 0.28 4.39 -17.55
CA ALA A 53 -0.30 3.06 -17.49
C ALA A 53 -1.82 3.19 -17.46
N VAL A 54 -2.47 2.44 -18.33
CA VAL A 54 -3.94 2.40 -18.40
C VAL A 54 -4.37 0.99 -18.00
N LYS A 55 -5.21 0.91 -16.97
CA LYS A 55 -5.76 -0.35 -16.49
C LYS A 55 -7.23 -0.42 -16.88
N LYS A 56 -7.60 -1.47 -17.62
CA LYS A 56 -8.99 -1.76 -17.92
C LYS A 56 -9.49 -2.77 -16.89
N LEU A 57 -10.36 -2.33 -15.99
CA LEU A 57 -10.90 -3.23 -14.97
C LEU A 57 -11.66 -4.38 -15.62
N SER A 58 -11.52 -5.58 -15.04
CA SER A 58 -12.17 -6.78 -15.54
C SER A 58 -13.42 -7.06 -14.72
N ARG A 59 -14.56 -7.17 -15.42
CA ARG A 59 -15.87 -7.41 -14.83
C ARG A 59 -16.08 -6.58 -13.55
N PRO A 60 -16.05 -5.24 -13.68
CA PRO A 60 -16.06 -4.42 -12.46
C PRO A 60 -17.39 -4.39 -11.73
N PHE A 61 -18.49 -4.75 -12.39
CA PHE A 61 -19.81 -4.77 -11.77
C PHE A 61 -20.44 -6.15 -11.84
N GLN A 62 -19.61 -7.19 -11.84
CA GLN A 62 -20.10 -8.56 -11.97
C GLN A 62 -20.97 -8.95 -10.79
N SER A 63 -20.63 -8.48 -9.59
CA SER A 63 -21.35 -8.82 -8.37
C SER A 63 -21.36 -7.61 -7.46
N ILE A 64 -21.98 -7.76 -6.28
CA ILE A 64 -22.00 -6.68 -5.32
C ILE A 64 -20.61 -6.43 -4.77
N ILE A 65 -19.87 -7.50 -4.46
CA ILE A 65 -18.51 -7.36 -3.97
C ILE A 65 -17.64 -6.68 -5.01
N HIS A 66 -17.73 -7.14 -6.27
CA HIS A 66 -16.96 -6.53 -7.35
C HIS A 66 -17.31 -5.05 -7.51
N ALA A 67 -18.61 -4.73 -7.46
CA ALA A 67 -19.04 -3.36 -7.68
C ALA A 67 -18.57 -2.44 -6.56
N LYS A 68 -18.71 -2.88 -5.31
CA LYS A 68 -18.21 -2.10 -4.18
C LYS A 68 -16.71 -1.94 -4.26
N ARG A 69 -16.00 -3.01 -4.63
CA ARG A 69 -14.55 -2.94 -4.78
C ARG A 69 -14.14 -1.95 -5.88
N THR A 70 -14.87 -1.94 -7.00
CA THR A 70 -14.61 -0.97 -8.05
C THR A 70 -14.83 0.45 -7.54
N TYR A 71 -15.96 0.68 -6.86
CA TYR A 71 -16.23 1.98 -6.26
C TYR A 71 -15.13 2.35 -5.27
N ARG A 72 -14.71 1.40 -4.43
CA ARG A 72 -13.68 1.66 -3.44
C ARG A 72 -12.37 2.08 -4.12
N GLU A 73 -11.95 1.34 -5.15
CA GLU A 73 -10.69 1.66 -5.80
C GLU A 73 -10.72 3.05 -6.41
N LEU A 74 -11.82 3.41 -7.08
CA LEU A 74 -11.90 4.72 -7.70
C LEU A 74 -11.95 5.83 -6.65
N ARG A 75 -12.66 5.60 -5.54
CA ARG A 75 -12.70 6.61 -4.48
C ARG A 75 -11.33 6.83 -3.88
N LEU A 76 -10.56 5.75 -3.67
CA LEU A 76 -9.24 5.88 -3.08
C LEU A 76 -8.30 6.64 -4.00
N LEU A 77 -8.21 6.21 -5.26
CA LEU A 77 -7.26 6.82 -6.19
C LEU A 77 -7.59 8.28 -6.42
N LYS A 78 -8.87 8.63 -6.47
CA LYS A 78 -9.25 10.03 -6.64
C LYS A 78 -8.88 10.88 -5.42
N HIS A 79 -8.78 10.28 -4.24
CA HIS A 79 -8.45 11.05 -3.06
C HIS A 79 -6.96 11.30 -2.92
N MET A 80 -6.11 10.38 -3.38
CA MET A 80 -4.69 10.42 -3.05
C MET A 80 -3.98 11.47 -3.89
N LYS A 81 -3.46 12.51 -3.22
CA LYS A 81 -2.74 13.63 -3.85
C LYS A 81 -1.47 13.89 -3.05
N HIS A 82 -0.42 13.12 -3.33
CA HIS A 82 0.78 13.14 -2.53
C HIS A 82 1.91 12.53 -3.35
N GLU A 83 3.14 13.05 -3.16
CA GLU A 83 4.25 12.64 -4.00
C GLU A 83 4.61 11.17 -3.81
N ASN A 84 4.45 10.64 -2.60
CA ASN A 84 4.85 9.28 -2.28
C ASN A 84 3.67 8.30 -2.29
N VAL A 85 2.55 8.68 -2.90
CA VAL A 85 1.38 7.82 -3.02
C VAL A 85 0.89 7.88 -4.45
N ILE A 86 0.51 6.71 -4.99
CA ILE A 86 -0.01 6.65 -6.35
C ILE A 86 -1.25 7.53 -6.45
N GLY A 87 -1.34 8.29 -7.55
CA GLY A 87 -2.48 9.17 -7.76
C GLY A 87 -3.08 8.92 -9.14
N LEU A 88 -4.21 9.57 -9.39
CA LEU A 88 -5.01 9.31 -10.58
C LEU A 88 -4.79 10.44 -11.61
N LEU A 89 -4.23 10.08 -12.77
CA LEU A 89 -4.13 11.06 -13.85
C LEU A 89 -5.47 11.24 -14.57
N ASP A 90 -6.19 10.14 -14.78
CA ASP A 90 -7.42 10.17 -15.54
C ASP A 90 -8.24 8.93 -15.22
N VAL A 91 -9.55 9.05 -15.39
CA VAL A 91 -10.47 7.92 -15.34
C VAL A 91 -11.52 8.15 -16.41
N PHE A 92 -11.82 7.11 -17.19
CA PHE A 92 -12.73 7.31 -18.31
C PHE A 92 -13.52 6.04 -18.59
N THR A 93 -14.59 6.20 -19.34
CA THR A 93 -15.41 5.11 -19.84
C THR A 93 -15.86 5.48 -21.25
N PRO A 94 -15.87 4.51 -22.17
CA PRO A 94 -16.46 4.78 -23.49
C PRO A 94 -17.96 5.00 -23.45
N ALA A 95 -18.62 4.75 -22.33
CA ALA A 95 -20.06 4.89 -22.24
C ALA A 95 -20.49 6.35 -22.27
N ARG A 96 -21.58 6.62 -22.99
CA ARG A 96 -22.12 7.96 -23.08
C ARG A 96 -23.22 8.23 -22.06
N SER A 97 -23.63 7.23 -21.31
CA SER A 97 -24.67 7.38 -20.29
C SER A 97 -24.52 6.26 -19.27
N LEU A 98 -25.16 6.46 -18.12
CA LEU A 98 -25.20 5.43 -17.09
C LEU A 98 -25.76 4.12 -17.65
N GLU A 99 -26.73 4.22 -18.54
CA GLU A 99 -27.46 3.03 -19.00
C GLU A 99 -26.56 2.06 -19.75
N GLU A 100 -25.55 2.57 -20.46
CA GLU A 100 -24.62 1.73 -21.21
C GLU A 100 -23.25 1.63 -20.53
N PHE A 101 -23.14 2.02 -19.26
CA PHE A 101 -21.88 2.08 -18.55
C PHE A 101 -21.51 0.67 -18.08
N ASN A 102 -20.44 0.11 -18.66
CA ASN A 102 -19.99 -1.23 -18.28
C ASN A 102 -18.48 -1.36 -18.09
N ASP A 103 -17.67 -0.40 -18.53
CA ASP A 103 -16.22 -0.52 -18.47
C ASP A 103 -15.63 0.71 -17.77
N VAL A 104 -14.58 0.47 -16.99
CA VAL A 104 -13.88 1.51 -16.23
C VAL A 104 -12.39 1.40 -16.51
N TYR A 105 -11.77 2.51 -16.91
CA TYR A 105 -10.34 2.56 -17.19
C TYR A 105 -9.67 3.58 -16.28
N LEU A 106 -8.58 3.16 -15.64
CA LEU A 106 -7.82 4.02 -14.75
C LEU A 106 -6.46 4.32 -15.35
N VAL A 107 -6.02 5.57 -15.24
CA VAL A 107 -4.74 6.01 -15.80
C VAL A 107 -3.89 6.63 -14.69
N THR A 108 -2.61 6.26 -14.66
CA THR A 108 -1.65 6.89 -13.76
C THR A 108 -0.27 6.88 -14.44
N HIS A 109 0.71 7.49 -13.76
CA HIS A 109 2.07 7.50 -14.29
C HIS A 109 2.57 6.08 -14.49
N LEU A 110 3.28 5.85 -15.59
CA LEU A 110 3.91 4.56 -15.80
C LEU A 110 5.08 4.41 -14.84
N MET A 111 5.15 3.26 -14.17
CA MET A 111 6.21 2.99 -13.23
CA MET A 111 6.18 2.96 -13.19
C MET A 111 6.96 1.74 -13.66
N GLY A 112 8.28 1.77 -13.48
CA GLY A 112 9.12 0.67 -13.92
C GLY A 112 9.31 -0.39 -12.87
N ALA A 113 10.19 -0.14 -11.92
CA ALA A 113 10.60 -1.13 -10.93
C ALA A 113 9.81 -0.97 -9.64
N ASP A 114 9.67 -2.08 -8.92
CA ASP A 114 9.23 -2.05 -7.54
C ASP A 114 10.46 -2.17 -6.63
N LEU A 115 10.22 -2.13 -5.33
CA LEU A 115 11.34 -2.06 -4.39
C LEU A 115 12.25 -3.27 -4.46
N ASN A 116 11.75 -4.42 -4.93
CA ASN A 116 12.62 -5.58 -5.13
C ASN A 116 13.66 -5.31 -6.22
N ASN A 117 13.24 -4.72 -7.33
CA ASN A 117 14.14 -4.52 -8.47
C ASN A 117 15.21 -3.46 -8.19
N ILE A 118 15.09 -2.69 -7.11
CA ILE A 118 16.14 -1.75 -6.73
C ILE A 118 16.92 -2.31 -5.55
N LEU A 124 21.84 -1.92 -0.80
CA LEU A 124 21.62 -0.49 -0.64
C LEU A 124 22.54 0.10 0.42
N THR A 125 23.06 1.29 0.15
CA THR A 125 23.81 2.02 1.15
C THR A 125 22.85 2.57 2.22
N ASP A 126 23.43 3.01 3.34
CA ASP A 126 22.59 3.51 4.42
C ASP A 126 21.89 4.81 4.03
N ASP A 127 22.50 5.61 3.16
CA ASP A 127 21.82 6.81 2.66
C ASP A 127 20.59 6.43 1.85
N HIS A 128 20.69 5.38 1.03
CA HIS A 128 19.54 4.96 0.23
C HIS A 128 18.42 4.41 1.11
N VAL A 129 18.78 3.63 2.14
CA VAL A 129 17.77 3.14 3.07
C VAL A 129 17.07 4.30 3.76
N GLN A 130 17.84 5.28 4.24
CA GLN A 130 17.25 6.48 4.83
C GLN A 130 16.23 7.11 3.90
N PHE A 131 16.62 7.36 2.65
CA PHE A 131 15.77 8.07 1.72
C PHE A 131 14.53 7.26 1.36
N LEU A 132 14.69 5.95 1.15
CA LEU A 132 13.56 5.13 0.74
C LEU A 132 12.57 4.96 1.89
N ILE A 133 13.07 4.64 3.09
CA ILE A 133 12.15 4.49 4.22
C ILE A 133 11.52 5.83 4.58
N TYR A 134 12.27 6.93 4.43
CA TYR A 134 11.69 8.24 4.70
C TYR A 134 10.49 8.51 3.82
N GLN A 135 10.60 8.20 2.52
CA GLN A 135 9.48 8.42 1.60
C GLN A 135 8.29 7.53 1.93
N ILE A 136 8.54 6.28 2.35
CA ILE A 136 7.43 5.42 2.78
C ILE A 136 6.70 6.07 3.94
N LEU A 137 7.44 6.46 4.98
CA LEU A 137 6.82 7.05 6.16
C LEU A 137 6.09 8.34 5.83
N ARG A 138 6.63 9.12 4.89
CA ARG A 138 5.99 10.37 4.49
C ARG A 138 4.66 10.10 3.78
N GLY A 139 4.63 9.13 2.89
CA GLY A 139 3.37 8.70 2.30
C GLY A 139 2.44 8.07 3.32
N LEU A 140 3.00 7.33 4.28
CA LEU A 140 2.17 6.71 5.31
C LEU A 140 1.54 7.74 6.22
N LYS A 141 2.29 8.81 6.54
CA LYS A 141 1.71 9.87 7.36
C LYS A 141 0.49 10.47 6.68
N TYR A 142 0.59 10.70 5.37
CA TYR A 142 -0.52 11.25 4.61
C TYR A 142 -1.71 10.30 4.60
N ILE A 143 -1.46 9.02 4.33
CA ILE A 143 -2.53 8.03 4.24
C ILE A 143 -3.20 7.87 5.59
N HIS A 144 -2.40 7.67 6.64
CA HIS A 144 -2.95 7.49 7.98
C HIS A 144 -3.73 8.73 8.44
N SER A 145 -3.29 9.93 8.05
CA SER A 145 -4.03 11.12 8.45
C SER A 145 -5.45 11.13 7.88
N ALA A 146 -5.70 10.40 6.80
CA ALA A 146 -7.04 10.29 6.24
C ALA A 146 -7.81 9.10 6.81
N ASP A 147 -7.36 8.53 7.93
CA ASP A 147 -8.00 7.37 8.55
C ASP A 147 -8.04 6.18 7.59
N ILE A 148 -6.98 6.02 6.81
CA ILE A 148 -6.82 4.91 5.88
C ILE A 148 -5.66 4.05 6.36
N ILE A 149 -5.91 2.75 6.46
CA ILE A 149 -4.87 1.76 6.78
C ILE A 149 -4.55 0.99 5.51
N HIS A 150 -3.27 0.89 5.19
CA HIS A 150 -2.90 0.15 3.98
C HIS A 150 -3.14 -1.34 4.14
N ARG A 151 -2.63 -1.93 5.22
CA ARG A 151 -2.75 -3.32 5.67
C ARG A 151 -1.91 -4.29 4.85
N ASP A 152 -1.23 -3.85 3.79
CA ASP A 152 -0.59 -4.83 2.92
C ASP A 152 0.70 -4.29 2.36
N LEU A 153 1.43 -3.48 3.15
CA LEU A 153 2.71 -2.95 2.70
C LEU A 153 3.73 -4.07 2.51
N LYS A 154 4.41 -4.05 1.38
CA LYS A 154 5.47 -4.99 1.05
C LYS A 154 6.24 -4.44 -0.15
N PRO A 155 7.45 -4.93 -0.38
CA PRO A 155 8.28 -4.32 -1.44
C PRO A 155 7.63 -4.32 -2.82
N SER A 156 6.84 -5.33 -3.16
CA SER A 156 6.18 -5.34 -4.47
C SER A 156 5.10 -4.28 -4.59
N ASN A 157 4.70 -3.65 -3.48
CA ASN A 157 3.70 -2.58 -3.49
C ASN A 157 4.33 -1.20 -3.42
N LEU A 158 5.65 -1.09 -3.59
CA LEU A 158 6.35 0.18 -3.55
C LEU A 158 7.08 0.36 -4.87
N ALA A 159 6.71 1.38 -5.64
CA ALA A 159 7.37 1.70 -6.89
C ALA A 159 8.53 2.64 -6.62
N VAL A 160 9.63 2.44 -7.35
CA VAL A 160 10.84 3.24 -7.17
C VAL A 160 11.40 3.62 -8.54
N ASN A 161 11.75 4.89 -8.72
CA ASN A 161 12.42 5.37 -9.93
C ASN A 161 13.89 4.96 -9.94
N GLU A 162 14.59 5.36 -11.01
CA GLU A 162 16.04 5.42 -10.94
C GLU A 162 16.48 6.60 -10.09
N ASP A 163 15.67 7.66 -10.06
CA ASP A 163 15.82 8.77 -9.13
C ASP A 163 15.75 8.35 -7.67
N CYS A 164 15.44 7.07 -7.38
CA CYS A 164 15.16 6.59 -6.03
C CYS A 164 13.93 7.25 -5.44
N GLU A 165 13.10 7.87 -6.27
CA GLU A 165 11.80 8.35 -5.82
C GLU A 165 10.84 7.18 -5.69
N LEU A 166 10.01 7.22 -4.64
CA LEU A 166 9.20 6.09 -4.23
C LEU A 166 7.73 6.47 -4.13
N LYS A 167 6.84 5.57 -4.54
CA LYS A 167 5.41 5.73 -4.35
C LYS A 167 4.79 4.48 -3.75
N ILE A 168 3.85 4.66 -2.84
CA ILE A 168 3.08 3.56 -2.27
C ILE A 168 1.95 3.20 -3.22
N LEU A 169 1.81 1.92 -3.52
CA LEU A 169 0.74 1.38 -4.35
C LEU A 169 -0.10 0.41 -3.53
N ASP A 170 -1.25 0.02 -4.08
CA ASP A 170 -2.02 -1.09 -3.52
C ASP A 170 -2.13 -2.21 -4.54
N PHE A 171 -1.03 -2.50 -5.22
CA PHE A 171 -0.94 -3.51 -6.25
C PHE A 171 0.53 -3.69 -6.61
N GLY A 172 0.85 -4.82 -7.24
CA GLY A 172 2.19 -5.08 -7.72
C GLY A 172 2.35 -4.76 -9.20
N LEU A 173 3.60 -4.60 -9.63
CA LEU A 173 3.89 -4.27 -11.02
C LEU A 173 4.21 -5.52 -11.84
N VAL A 185 7.96 -13.10 -2.69
CA VAL A 185 7.53 -12.01 -1.83
C VAL A 185 6.14 -12.30 -1.26
N ALA A 186 6.07 -13.23 -0.32
CA ALA A 186 4.81 -13.54 0.33
C ALA A 186 4.30 -12.36 1.14
N THR A 187 3.01 -12.09 1.02
CA THR A 187 2.40 -11.01 1.78
C THR A 187 2.55 -11.24 3.29
N ARG A 188 2.51 -12.49 3.72
CA ARG A 188 2.53 -12.80 5.14
C ARG A 188 3.83 -12.32 5.81
N TRP A 189 4.91 -12.20 5.06
CA TRP A 189 6.21 -11.92 5.67
C TRP A 189 6.26 -10.53 6.30
N TYR A 190 5.42 -9.61 5.83
CA TYR A 190 5.44 -8.22 6.27
C TYR A 190 4.23 -7.88 7.12
N ARG A 191 3.40 -8.87 7.42
CA ARG A 191 2.13 -8.66 8.10
C ARG A 191 2.33 -8.51 9.59
N ALA A 192 1.61 -7.57 10.19
CA ALA A 192 1.66 -7.41 11.64
C ALA A 192 1.09 -8.67 12.31
N PRO A 193 1.62 -9.05 13.47
CA PRO A 193 1.14 -10.30 14.10
C PRO A 193 -0.32 -10.25 14.49
N GLU A 194 -0.86 -9.10 14.88
CA GLU A 194 -2.27 -9.03 15.26
C GLU A 194 -3.18 -9.41 14.10
N ILE A 195 -2.75 -9.15 12.86
CA ILE A 195 -3.57 -9.51 11.72
C ILE A 195 -3.67 -11.03 11.59
N MET A 196 -2.55 -11.73 11.75
CA MET A 196 -2.55 -13.18 11.60
C MET A 196 -3.24 -13.88 12.75
N LEU A 197 -3.39 -13.22 13.89
CA LEU A 197 -4.22 -13.72 14.96
C LEU A 197 -5.68 -13.34 14.77
N ASN A 198 -6.03 -12.77 13.61
CA ASN A 198 -7.40 -12.40 13.29
C ASN A 198 -7.97 -11.46 14.34
N TRP A 199 -7.17 -10.49 14.75
CA TRP A 199 -7.61 -9.50 15.71
C TRP A 199 -8.81 -8.74 15.17
N MET A 200 -9.80 -8.50 16.03
CA MET A 200 -11.00 -7.81 15.60
C MET A 200 -10.67 -6.43 15.03
N HIS A 201 -10.05 -5.57 15.84
CA HIS A 201 -9.74 -4.21 15.46
C HIS A 201 -8.26 -4.06 15.16
N TYR A 202 -7.94 -3.12 14.27
CA TYR A 202 -6.56 -2.86 13.87
C TYR A 202 -6.29 -1.37 14.01
N ASN A 203 -5.11 -1.03 14.52
CA ASN A 203 -4.69 0.35 14.51
C ASN A 203 -3.72 0.59 13.35
N GLN A 204 -3.53 1.87 13.03
CA GLN A 204 -2.69 2.24 11.89
C GLN A 204 -1.27 1.68 11.97
N THR A 205 -0.78 1.33 13.17
CA THR A 205 0.60 0.88 13.26
C THR A 205 0.80 -0.55 12.78
N VAL A 206 -0.24 -1.24 12.30
CA VAL A 206 0.02 -2.45 11.52
C VAL A 206 0.94 -2.14 10.35
N ASP A 207 0.82 -0.93 9.80
CA ASP A 207 1.66 -0.55 8.67
C ASP A 207 3.08 -0.25 9.12
N ILE A 208 3.25 0.33 10.30
CA ILE A 208 4.58 0.57 10.83
C ILE A 208 5.32 -0.74 11.03
N TRP A 209 4.62 -1.79 11.46
CA TRP A 209 5.26 -3.11 11.53
C TRP A 209 5.81 -3.50 10.17
N SER A 210 5.00 -3.33 9.12
CA SER A 210 5.43 -3.69 7.78
C SER A 210 6.64 -2.84 7.35
N VAL A 211 6.62 -1.56 7.68
CA VAL A 211 7.77 -0.71 7.35
C VAL A 211 9.02 -1.21 8.06
N GLY A 212 8.87 -1.65 9.31
CA GLY A 212 10.02 -2.23 10.01
C GLY A 212 10.59 -3.44 9.31
N CYS A 213 9.72 -4.36 8.87
CA CYS A 213 10.18 -5.53 8.13
C CYS A 213 10.88 -5.12 6.85
N ILE A 214 10.32 -4.15 6.13
CA ILE A 214 10.90 -3.70 4.87
C ILE A 214 12.27 -3.06 5.12
N MET A 215 12.36 -2.21 6.13
CA MET A 215 13.62 -1.53 6.43
C MET A 215 14.69 -2.54 6.83
N ALA A 216 14.34 -3.52 7.67
CA ALA A 216 15.31 -4.54 8.06
C ALA A 216 15.84 -5.28 6.84
N GLU A 217 14.97 -5.55 5.87
CA GLU A 217 15.39 -6.24 4.65
C GLU A 217 16.32 -5.39 3.82
N LEU A 218 16.08 -4.08 3.76
CA LEU A 218 16.97 -3.18 3.02
C LEU A 218 18.34 -3.07 3.70
N LEU A 219 18.41 -3.28 5.01
CA LEU A 219 19.68 -3.19 5.72
C LEU A 219 20.46 -4.49 5.65
N THR A 220 19.77 -5.63 5.71
CA THR A 220 20.44 -6.93 5.73
C THR A 220 20.45 -7.63 4.39
N GLY A 221 19.56 -7.27 3.46
CA GLY A 221 19.46 -8.04 2.24
C GLY A 221 18.71 -9.35 2.38
N ARG A 222 18.06 -9.58 3.52
CA ARG A 222 17.35 -10.81 3.80
C ARG A 222 15.95 -10.51 4.33
N THR A 223 15.00 -11.34 3.94
CA THR A 223 13.67 -11.26 4.54
C THR A 223 13.78 -11.48 6.03
N LEU A 224 13.20 -10.57 6.81
CA LEU A 224 13.32 -10.65 8.26
C LEU A 224 12.58 -11.87 8.80
N PHE A 225 11.30 -12.04 8.43
CA PHE A 225 10.49 -13.15 8.92
C PHE A 225 9.91 -13.93 7.74
N PRO A 226 10.74 -14.84 7.11
CA PRO A 226 10.25 -15.63 5.97
C PRO A 226 9.50 -16.89 6.41
N GLY A 227 8.43 -16.70 7.17
CA GLY A 227 7.67 -17.84 7.65
C GLY A 227 7.01 -18.58 6.50
N THR A 228 6.94 -19.91 6.65
CA THR A 228 6.27 -20.73 5.64
C THR A 228 4.76 -20.60 5.70
N ASP A 229 4.22 -20.20 6.85
CA ASP A 229 2.78 -20.02 7.04
C ASP A 229 2.60 -19.08 8.22
N HIS A 230 1.36 -18.96 8.69
CA HIS A 230 1.08 -18.01 9.77
C HIS A 230 1.68 -18.47 11.10
N ILE A 231 1.63 -19.77 11.39
CA ILE A 231 2.22 -20.27 12.63
C ILE A 231 3.73 -20.07 12.61
N ASP A 232 4.38 -20.56 11.55
CA ASP A 232 5.82 -20.36 11.40
C ASP A 232 6.18 -18.88 11.43
N GLN A 233 5.30 -18.02 10.90
CA GLN A 233 5.54 -16.59 10.90
C GLN A 233 5.58 -16.04 12.33
N LEU A 234 4.54 -16.32 13.12
CA LEU A 234 4.51 -15.85 14.50
C LEU A 234 5.68 -16.41 15.30
N LYS A 235 6.04 -17.66 15.03
CA LYS A 235 7.16 -18.27 15.75
C LYS A 235 8.47 -17.53 15.46
N LEU A 236 8.68 -17.14 14.20
CA LEU A 236 9.88 -16.36 13.87
C LEU A 236 9.83 -14.98 14.52
N ILE A 237 8.66 -14.35 14.52
CA ILE A 237 8.51 -13.02 15.11
C ILE A 237 8.87 -13.06 16.59
N LEU A 238 8.31 -14.02 17.32
CA LEU A 238 8.56 -14.12 18.76
C LEU A 238 10.03 -14.35 19.07
N ARG A 239 10.77 -15.02 18.16
CA ARG A 239 12.19 -15.26 18.38
CA ARG A 239 12.18 -15.25 18.42
C ARG A 239 12.98 -13.96 18.40
N LEU A 240 12.51 -12.94 17.68
CA LEU A 240 13.20 -11.66 17.67
C LEU A 240 12.73 -10.74 18.79
N VAL A 241 11.41 -10.61 18.95
CA VAL A 241 10.85 -9.60 19.85
C VAL A 241 10.46 -10.16 21.21
N GLY A 242 10.54 -11.47 21.41
CA GLY A 242 10.17 -12.07 22.67
C GLY A 242 8.68 -12.27 22.84
N THR A 243 8.33 -13.20 23.73
CA THR A 243 6.92 -13.46 24.01
C THR A 243 6.30 -12.28 24.77
N PRO A 244 4.99 -12.08 24.65
CA PRO A 244 4.34 -10.95 25.32
C PRO A 244 4.63 -10.89 26.81
N GLY A 245 4.84 -9.67 27.31
CA GLY A 245 4.90 -9.44 28.73
C GLY A 245 3.51 -9.35 29.33
N ALA A 246 3.46 -9.21 30.65
CA ALA A 246 2.18 -9.13 31.32
C ALA A 246 1.44 -7.86 30.98
N GLU A 247 2.16 -6.79 30.64
CA GLU A 247 1.50 -5.55 30.23
C GLU A 247 0.67 -5.77 28.98
N LEU A 248 1.14 -6.61 28.06
CA LEU A 248 0.40 -6.89 26.83
C LEU A 248 -0.63 -7.98 27.05
N LEU A 249 -0.33 -8.97 27.89
CA LEU A 249 -1.25 -10.08 28.11
C LEU A 249 -2.58 -9.59 28.67
N LYS A 250 -2.56 -8.58 29.51
CA LYS A 250 -3.79 -8.08 30.11
C LYS A 250 -4.67 -7.32 29.10
N LYS A 251 -4.23 -7.13 27.87
CA LYS A 251 -5.06 -6.53 26.82
C LYS A 251 -5.53 -7.55 25.80
N ILE A 252 -5.21 -8.83 25.98
CA ILE A 252 -5.66 -9.88 25.07
C ILE A 252 -6.98 -10.43 25.59
N SER A 253 -8.03 -10.27 24.80
CA SER A 253 -9.36 -10.70 25.19
C SER A 253 -9.65 -12.15 24.85
N SER A 254 -9.00 -12.69 23.82
CA SER A 254 -9.26 -14.06 23.40
C SER A 254 -8.73 -15.04 24.44
N GLU A 255 -9.64 -15.81 25.04
CA GLU A 255 -9.24 -16.86 25.97
C GLU A 255 -8.27 -17.84 25.32
N SER A 256 -8.55 -18.25 24.08
CA SER A 256 -7.72 -19.23 23.41
C SER A 256 -6.34 -18.67 23.07
N ALA A 257 -6.32 -17.48 22.47
CA ALA A 257 -5.05 -16.83 22.15
C ALA A 257 -4.21 -16.63 23.41
N ARG A 258 -4.85 -16.27 24.52
CA ARG A 258 -4.11 -16.05 25.76
C ARG A 258 -3.51 -17.35 26.27
N ASN A 259 -4.31 -18.42 26.29
CA ASN A 259 -3.82 -19.71 26.76
C ASN A 259 -2.63 -20.19 25.94
N TYR A 260 -2.74 -20.12 24.62
CA TYR A 260 -1.65 -20.62 23.79
C TYR A 260 -0.38 -19.80 23.99
N ILE A 261 -0.50 -18.47 23.95
CA ILE A 261 0.65 -17.60 24.15
C ILE A 261 1.35 -17.93 25.47
N GLN A 262 0.59 -18.00 26.56
CA GLN A 262 1.19 -18.26 27.86
C GLN A 262 1.76 -19.68 27.96
N SER A 263 1.18 -20.63 27.23
CA SER A 263 1.68 -22.00 27.27
C SER A 263 2.95 -22.18 26.46
N LEU A 264 3.41 -21.16 25.76
CA LEU A 264 4.67 -21.23 25.03
C LEU A 264 5.84 -21.05 25.99
N THR A 265 6.99 -21.61 25.63
CA THR A 265 8.21 -21.34 26.35
C THR A 265 8.58 -19.87 26.14
N GLN A 266 8.63 -19.12 27.24
CA GLN A 266 8.95 -17.71 27.16
C GLN A 266 10.31 -17.49 26.51
N MET A 267 10.40 -16.45 25.69
CA MET A 267 11.66 -16.09 25.05
C MET A 267 11.95 -14.61 25.30
N PRO A 268 13.22 -14.26 25.50
CA PRO A 268 13.56 -12.85 25.74
C PRO A 268 13.62 -12.08 24.44
N LYS A 269 13.22 -10.81 24.51
CA LYS A 269 13.44 -9.92 23.38
C LYS A 269 14.92 -9.79 23.13
N MET A 270 15.36 -10.13 21.93
CA MET A 270 16.77 -10.01 21.61
C MET A 270 17.19 -8.55 21.56
N ASN A 271 18.48 -8.32 21.75
CA ASN A 271 19.06 -7.00 21.49
C ASN A 271 19.21 -6.84 19.98
N PHE A 272 18.59 -5.80 19.42
CA PHE A 272 18.63 -5.63 17.98
C PHE A 272 20.02 -5.26 17.47
N ALA A 273 20.86 -4.68 18.34
CA ALA A 273 22.25 -4.42 17.96
C ALA A 273 22.95 -5.71 17.55
N ASN A 274 22.78 -6.76 18.34
CA ASN A 274 23.37 -8.06 18.00
C ASN A 274 22.80 -8.62 16.71
N VAL A 275 21.50 -8.44 16.49
CA VAL A 275 20.86 -9.03 15.33
C VAL A 275 21.21 -8.26 14.07
N PHE A 276 21.17 -6.93 14.13
CA PHE A 276 21.52 -6.08 12.99
C PHE A 276 22.90 -5.48 13.19
N ILE A 277 23.89 -6.38 13.31
CA ILE A 277 25.26 -5.97 13.60
C ILE A 277 25.81 -5.12 12.47
N GLY A 278 26.52 -4.05 12.84
CA GLY A 278 27.17 -3.20 11.87
C GLY A 278 26.27 -2.18 11.22
N ALA A 279 24.95 -2.32 11.36
CA ALA A 279 24.04 -1.32 10.82
C ALA A 279 24.21 0.00 11.58
N ASN A 280 23.78 1.08 10.94
CA ASN A 280 23.74 2.38 11.59
C ASN A 280 22.97 2.27 12.91
N PRO A 281 23.58 2.64 14.04
CA PRO A 281 22.88 2.51 15.32
C PRO A 281 21.58 3.30 15.39
N LEU A 282 21.45 4.38 14.62
CA LEU A 282 20.16 5.07 14.56
C LEU A 282 19.13 4.21 13.84
N ALA A 283 19.55 3.49 12.81
CA ALA A 283 18.65 2.57 12.13
C ALA A 283 18.21 1.44 13.04
N VAL A 284 19.14 0.91 13.85
CA VAL A 284 18.78 -0.13 14.81
C VAL A 284 17.77 0.40 15.81
N ASP A 285 17.98 1.63 16.30
CA ASP A 285 17.07 2.22 17.27
C ASP A 285 15.67 2.39 16.69
N LEU A 286 15.58 2.82 15.43
CA LEU A 286 14.26 3.00 14.81
C LEU A 286 13.56 1.66 14.63
N LEU A 287 14.30 0.62 14.23
CA LEU A 287 13.72 -0.71 14.12
C LEU A 287 13.13 -1.18 15.45
N GLU A 288 13.83 -0.92 16.56
CA GLU A 288 13.32 -1.29 17.87
C GLU A 288 12.02 -0.57 18.20
N LYS A 289 11.87 0.67 17.73
CA LYS A 289 10.65 1.42 17.95
C LYS A 289 9.54 1.02 16.99
N MET A 290 9.86 0.32 15.90
CA MET A 290 8.84 -0.13 14.95
C MET A 290 8.38 -1.55 15.23
N LEU A 291 9.32 -2.46 15.48
CA LEU A 291 9.00 -3.88 15.59
C LEU A 291 8.69 -4.27 17.04
N VAL A 292 7.65 -3.64 17.57
CA VAL A 292 7.15 -3.92 18.91
C VAL A 292 5.84 -4.70 18.79
N LEU A 293 5.69 -5.75 19.60
CA LEU A 293 4.47 -6.54 19.57
C LEU A 293 3.25 -5.68 19.87
N ASP A 294 3.29 -4.94 20.97
CA ASP A 294 2.18 -4.10 21.39
C ASP A 294 2.02 -2.93 20.42
N SER A 295 1.00 -2.99 19.56
CA SER A 295 0.79 -1.95 18.56
C SER A 295 0.55 -0.58 19.19
N ASP A 296 0.11 -0.54 20.45
CA ASP A 296 -0.04 0.73 21.15
C ASP A 296 1.29 1.40 21.41
N LYS A 297 2.39 0.65 21.39
CA LYS A 297 3.69 1.21 21.69
C LYS A 297 4.56 1.41 20.45
N ARG A 298 4.09 0.99 19.28
CA ARG A 298 4.85 1.23 18.05
C ARG A 298 4.87 2.72 17.75
N ILE A 299 6.01 3.18 17.24
CA ILE A 299 6.12 4.56 16.79
C ILE A 299 5.19 4.80 15.62
N THR A 300 4.59 5.99 15.57
CA THR A 300 3.72 6.32 14.45
C THR A 300 4.56 6.83 13.28
N ALA A 301 3.90 6.97 12.12
CA ALA A 301 4.57 7.50 10.94
C ALA A 301 5.03 8.93 11.16
N ALA A 302 4.16 9.78 11.74
CA ALA A 302 4.54 11.16 12.00
C ALA A 302 5.70 11.23 12.98
N GLN A 303 5.66 10.44 14.05
CA GLN A 303 6.77 10.43 15.00
C GLN A 303 8.04 9.90 14.35
N ALA A 304 7.93 8.89 13.48
CA ALA A 304 9.10 8.30 12.86
C ALA A 304 9.81 9.28 11.93
N LEU A 305 9.06 10.17 11.28
CA LEU A 305 9.69 11.16 10.41
C LEU A 305 10.58 12.11 11.19
N ALA A 306 10.33 12.29 12.48
CA ALA A 306 11.16 13.14 13.33
C ALA A 306 12.28 12.36 14.00
N HIS A 307 12.44 11.08 13.70
CA HIS A 307 13.54 10.31 14.26
C HIS A 307 14.87 10.78 13.67
N ALA A 308 15.91 10.79 14.51
CA ALA A 308 17.20 11.34 14.09
C ALA A 308 17.78 10.62 12.88
N TYR A 309 17.32 9.40 12.60
CA TYR A 309 17.81 8.66 11.44
C TYR A 309 17.51 9.39 10.14
N PHE A 310 16.48 10.23 10.12
CA PHE A 310 16.09 10.94 8.91
C PHE A 310 16.46 12.41 8.96
N ALA A 311 17.48 12.77 9.74
CA ALA A 311 17.79 14.17 9.98
C ALA A 311 18.06 14.93 8.70
N GLN A 312 18.66 14.28 7.70
CA GLN A 312 19.00 14.98 6.47
C GLN A 312 17.85 15.05 5.47
N TYR A 313 16.73 14.40 5.73
CA TYR A 313 15.57 14.48 4.85
C TYR A 313 14.36 15.11 5.53
N HIS A 314 14.29 15.05 6.85
CA HIS A 314 13.11 15.49 7.57
C HIS A 314 12.90 16.98 7.42
N ASP A 315 11.67 17.37 7.07
CA ASP A 315 11.26 18.77 6.97
C ASP A 315 9.82 18.82 7.44
N PRO A 316 9.56 19.26 8.66
CA PRO A 316 8.19 19.28 9.17
C PRO A 316 7.24 20.13 8.33
N ASP A 317 7.74 21.08 7.55
CA ASP A 317 6.90 21.94 6.72
C ASP A 317 6.62 21.35 5.35
N ASP A 318 7.20 20.20 5.02
CA ASP A 318 6.91 19.51 3.76
C ASP A 318 6.61 18.04 4.02
N GLU A 319 5.75 17.78 5.01
CA GLU A 319 5.22 16.44 5.29
C GLU A 319 3.72 16.56 5.49
N PRO A 320 2.98 16.80 4.41
CA PRO A 320 1.57 17.22 4.54
C PRO A 320 0.65 16.07 4.95
N VAL A 321 -0.50 16.46 5.47
CA VAL A 321 -1.57 15.52 5.79
C VAL A 321 -2.63 15.60 4.71
N ALA A 322 -3.56 14.65 4.71
CA ALA A 322 -4.55 14.52 3.67
C ALA A 322 -5.84 15.24 4.04
N ASP A 323 -6.62 15.58 3.02
CA ASP A 323 -8.00 15.98 3.25
C ASP A 323 -8.78 14.81 3.84
N PRO A 324 -9.81 15.09 4.64
CA PRO A 324 -10.62 14.01 5.20
C PRO A 324 -11.24 13.14 4.10
N TYR A 325 -11.28 11.84 4.37
CA TYR A 325 -11.75 10.85 3.41
C TYR A 325 -13.00 10.19 3.98
N ASP A 326 -14.11 10.33 3.26
CA ASP A 326 -15.41 9.82 3.70
C ASP A 326 -15.49 8.33 3.39
N GLN A 327 -15.32 7.50 4.41
CA GLN A 327 -15.36 6.05 4.26
C GLN A 327 -16.69 5.43 4.65
N SER A 328 -17.73 6.25 4.85
CA SER A 328 -19.00 5.74 5.34
C SER A 328 -19.60 4.67 4.42
N PHE A 329 -19.26 4.70 3.13
CA PHE A 329 -19.81 3.73 2.19
C PHE A 329 -19.40 2.30 2.54
N GLU A 330 -18.31 2.12 3.29
CA GLU A 330 -17.84 0.77 3.58
C GLU A 330 -18.86 -0.01 4.39
N SER A 331 -19.67 0.67 5.19
CA SER A 331 -20.65 -0.01 6.03
C SER A 331 -21.99 -0.17 5.36
N ARG A 332 -22.12 0.15 4.07
CA ARG A 332 -23.39 0.08 3.38
C ARG A 332 -23.50 -1.18 2.53
N ASP A 333 -24.71 -1.71 2.46
CA ASP A 333 -25.06 -2.86 1.62
C ASP A 333 -25.99 -2.35 0.53
N LEU A 334 -25.47 -2.19 -0.68
CA LEU A 334 -26.22 -1.63 -1.78
C LEU A 334 -26.32 -2.65 -2.90
N LEU A 335 -27.22 -2.38 -3.84
CA LEU A 335 -27.38 -3.22 -5.00
C LEU A 335 -26.27 -2.95 -6.01
N ILE A 336 -26.10 -3.86 -6.96
CA ILE A 336 -25.07 -3.71 -7.97
C ILE A 336 -25.25 -2.39 -8.72
N ASP A 337 -26.47 -2.15 -9.23
CA ASP A 337 -26.72 -0.95 -10.01
C ASP A 337 -26.47 0.32 -9.21
N GLU A 338 -26.59 0.24 -7.89
CA GLU A 338 -26.35 1.42 -7.06
C GLU A 338 -24.86 1.71 -6.94
N TRP A 339 -24.02 0.69 -6.71
CA TRP A 339 -22.58 0.92 -6.72
C TRP A 339 -22.12 1.35 -8.10
N LYS A 340 -22.68 0.73 -9.14
CA LYS A 340 -22.38 1.16 -10.51
C LYS A 340 -22.71 2.63 -10.70
N SER A 341 -23.90 3.07 -10.28
CA SER A 341 -24.27 4.47 -10.45
C SER A 341 -23.34 5.39 -9.66
N LEU A 342 -23.02 5.01 -8.42
CA LEU A 342 -22.10 5.81 -7.63
C LEU A 342 -20.73 5.88 -8.26
N THR A 343 -20.29 4.78 -8.89
CA THR A 343 -19.03 4.81 -9.62
C THR A 343 -19.11 5.77 -10.80
N TYR A 344 -20.21 5.70 -11.57
CA TYR A 344 -20.42 6.63 -12.67
C TYR A 344 -20.37 8.08 -12.20
N ASP A 345 -21.01 8.39 -11.08
CA ASP A 345 -20.91 9.74 -10.52
C ASP A 345 -19.45 10.16 -10.34
N GLU A 346 -18.61 9.23 -9.90
CA GLU A 346 -17.22 9.57 -9.62
C GLU A 346 -16.39 9.68 -10.89
N VAL A 347 -16.73 8.92 -11.92
CA VAL A 347 -16.09 9.09 -13.23
C VAL A 347 -16.42 10.47 -13.79
N ILE A 348 -17.71 10.84 -13.73
CA ILE A 348 -18.17 12.10 -14.31
C ILE A 348 -17.56 13.29 -13.59
N SER A 349 -17.48 13.23 -12.26
CA SER A 349 -17.05 14.39 -11.49
C SER A 349 -15.53 14.56 -11.45
N PHE A 350 -14.77 13.71 -12.14
CA PHE A 350 -13.32 13.72 -12.01
C PHE A 350 -12.71 15.00 -12.59
N VAL A 351 -11.79 15.60 -11.83
CA VAL A 351 -11.04 16.77 -12.27
C VAL A 351 -9.57 16.39 -12.36
N PRO A 352 -8.95 16.41 -13.54
CA PRO A 352 -7.57 15.93 -13.68
C PRO A 352 -6.61 16.79 -12.89
N PRO A 353 -5.40 16.29 -12.59
CA PRO A 353 -4.40 17.14 -11.95
C PRO A 353 -3.87 18.17 -12.93
N PRO A 354 -3.48 19.33 -12.47
CA PRO A 354 -3.02 20.39 -13.36
C PRO A 354 -1.59 20.14 -13.84
N LEU A 355 -1.12 21.02 -14.73
CA LEU A 355 0.25 20.98 -15.21
C LEU A 355 0.98 22.28 -14.89
C1 BOG B . -2.49 -4.86 20.29
O1 BOG B . -1.11 -4.97 19.98
C2 BOG B . -2.68 -3.72 21.24
O2 BOG B . -1.93 -3.96 22.43
C3 BOG B . -4.14 -3.58 21.54
O3 BOG B . -4.35 -2.48 22.43
C4 BOG B . -4.84 -3.34 20.21
O4 BOG B . -6.25 -3.19 20.42
C5 BOG B . -4.58 -4.50 19.27
O5 BOG B . -3.16 -4.62 19.06
C6 BOG B . -5.32 -4.26 17.96
O6 BOG B . -4.86 -3.07 17.32
C1' BOG B . -1.01 -6.10 19.12
C2' BOG B . -0.37 -7.21 19.91
C3' BOG B . -0.26 -8.45 19.05
C4' BOG B . 0.44 -9.51 19.90
C5' BOG B . 0.57 -10.78 19.09
C6' BOG B . 1.36 -11.79 19.91
C7' BOG B . 1.53 -13.04 19.07
C8' BOG B . 2.36 -14.05 19.85
C1 BOG C . -7.84 -0.56 1.98
O1 BOG C . -7.13 0.54 1.40
C2 BOG C . -9.19 -0.04 2.46
O2 BOG C . -9.00 0.99 3.42
C3 BOG C . -9.94 -1.17 3.10
O3 BOG C . -11.21 -0.70 3.57
C4 BOG C . -10.12 -2.25 2.07
O4 BOG C . -10.84 -3.34 2.66
C5 BOG C . -8.74 -2.73 1.59
O5 BOG C . -8.03 -1.62 1.00
C6 BOG C . -8.93 -3.79 0.50
O6 BOG C . -9.67 -3.24 -0.59
C1' BOG C . -5.80 0.48 0.92
C2' BOG C . -5.38 1.91 1.25
C3' BOG C . -3.98 2.38 0.88
C4' BOG C . -3.82 2.27 -0.61
C5' BOG C . -2.46 2.84 -0.99
C6' BOG C . -2.31 2.70 -2.50
C7' BOG C . -3.43 3.44 -3.21
C8' BOG C . -3.39 4.92 -2.85
C1 BOG D . -9.35 16.17 -28.88
O1 BOG D . -8.35 15.33 -29.50
C2 BOG D . -8.78 17.50 -28.34
O2 BOG D . -7.79 17.24 -27.33
C3 BOG D . -9.93 18.36 -27.86
O3 BOG D . -9.42 19.63 -27.42
C4 BOG D . -10.91 18.57 -29.01
O4 BOG D . -12.03 19.36 -28.57
C5 BOG D . -11.41 17.21 -29.44
O5 BOG D . -10.33 16.39 -29.88
C6 BOG D . -12.36 17.30 -30.63
O6 BOG D . -11.65 17.87 -31.75
C1' BOG D . -7.18 14.84 -28.87
C2' BOG D . -6.47 14.15 -30.02
C3' BOG D . -5.13 13.56 -29.62
C4' BOG D . -4.61 12.91 -30.89
C5' BOG D . -3.25 12.29 -30.63
C6' BOG D . -2.79 11.67 -31.93
C7' BOG D . -1.42 11.03 -31.72
C8' BOG D . -0.97 10.40 -33.02
C10 GE5 E . 5.43 -2.11 -17.13
C15 GE5 E . 2.63 -0.08 -14.14
C17 GE5 E . 0.45 -0.34 -13.09
C21 GE5 E . -0.55 -1.14 -12.65
C22 GE5 E . -1.85 -0.88 -12.34
C24 GE5 E . -1.75 -3.06 -11.79
C28 GE5 E . -1.25 -6.20 -10.57
C01 GE5 E . 10.86 -4.58 -16.56
C03 GE5 E . 8.77 -3.68 -17.05
C04 GE5 E . 9.31 -3.21 -18.24
C05 GE5 E . 8.58 -2.37 -19.08
C06 GE5 E . 7.28 -2.00 -18.71
C08 GE5 E . 6.67 -1.50 -20.88
C09 GE5 E . 6.72 -2.46 -17.52
C11 GE5 E . 5.45 -1.97 -15.60
C12 GE5 E . 4.06 -1.79 -14.98
C16 GE5 E . 1.57 -0.88 -13.72
C18 GE5 E . 0.44 1.02 -12.84
C19 GE5 E . 1.49 1.82 -13.27
C29 GE5 E . -1.06 -7.48 -11.08
C30 GE5 E . -1.11 -8.59 -10.23
C31 GE5 E . -1.32 -8.43 -8.86
C32 GE5 E . -1.49 -7.13 -8.35
C33 GE5 E . -1.45 -6.04 -9.20
C34 GE5 E . -2.50 0.28 -12.46
C35 GE5 E . -3.09 0.87 -11.35
C36 GE5 E . -3.77 2.08 -11.44
C37 GE5 E . -3.87 2.71 -12.66
C39 GE5 E . -3.30 2.13 -13.79
C40 GE5 E . -2.62 0.92 -13.70
C41 GE5 E . 7.47 -3.30 -16.70
F38 GE5 E . -4.57 3.94 -12.77
N14 GE5 E . 3.75 -0.50 -14.75
N20 GE5 E . 2.58 1.24 -13.91
N23 GE5 E . -2.51 -1.97 -11.86
N26 GE5 E . -2.10 -4.28 -11.36
N27 GE5 E . -1.20 -5.15 -11.39
O02 GE5 E . 9.47 -4.50 -16.22
O07 GE5 E . 6.51 -1.19 -19.49
O13 GE5 E . 3.39 -2.78 -14.72
S25 GE5 E . -0.26 -2.71 -12.30
#